data_6T8S
#
_entry.id   6T8S
#
_cell.length_a   102.570
_cell.length_b   102.570
_cell.length_c   104.336
_cell.angle_alpha   90.000
_cell.angle_beta   90.000
_cell.angle_gamma   90.000
#
_symmetry.space_group_name_H-M   'P 41 21 2'
#
loop_
_entity.id
_entity.type
_entity.pdbx_description
1 polymer Pilin
2 water water
#
_entity_poly.entity_id   1
_entity_poly.type   'polypeptide(L)'
_entity_poly.pdbx_seq_one_letter_code
;MHHHHHHGSNINKAKVASVESDYSSVKSAALSYYSDTNKIPVTPDGQTGLSVLETYMESLPDKADIGGKYKLIKVGNKLV
LQIGTNDEGVTLTEAQSAKLLSDIGENKIYTSVTADNLGNPLTSNTKVDNKVLYIVLIDNTVMDSTK
;
_entity_poly.pdbx_strand_id   AAA,BBB,CCC
#
# COMPACT_ATOMS: atom_id res chain seq x y z
N GLY A 8 -1.69 -29.89 -11.73
CA GLY A 8 -2.13 -28.95 -10.66
C GLY A 8 -1.05 -27.91 -10.35
N SER A 9 -0.23 -28.17 -9.33
CA SER A 9 0.72 -27.20 -8.69
C SER A 9 1.70 -26.61 -9.71
N ASN A 10 2.46 -27.45 -10.44
CA ASN A 10 3.52 -27.02 -11.40
C ASN A 10 2.93 -26.34 -12.63
N ILE A 11 1.89 -26.93 -13.22
CA ILE A 11 1.13 -26.34 -14.36
C ILE A 11 0.60 -24.96 -13.95
N ASN A 12 0.03 -24.84 -12.74
CA ASN A 12 -0.60 -23.58 -12.26
C ASN A 12 0.48 -22.49 -12.12
N LYS A 13 1.66 -22.85 -11.61
CA LYS A 13 2.80 -21.92 -11.45
C LYS A 13 3.26 -21.46 -12.85
N ALA A 14 3.29 -22.34 -13.85
CA ALA A 14 3.76 -21.99 -15.21
C ALA A 14 2.72 -21.07 -15.89
N LYS A 15 1.42 -21.25 -15.64
CA LYS A 15 0.39 -20.33 -16.20
C LYS A 15 0.63 -18.91 -15.69
N VAL A 16 0.92 -18.78 -14.40
CA VAL A 16 1.27 -17.46 -13.78
C VAL A 16 2.53 -16.91 -14.47
N ALA A 17 3.57 -17.74 -14.66
CA ALA A 17 4.83 -17.27 -15.30
C ALA A 17 4.52 -16.76 -16.71
N SER A 18 3.64 -17.43 -17.45
CA SER A 18 3.21 -17.04 -18.82
C SER A 18 2.59 -15.63 -18.82
N VAL A 19 1.74 -15.32 -17.85
CA VAL A 19 1.17 -13.96 -17.70
C VAL A 19 2.29 -12.96 -17.42
N GLU A 20 3.24 -13.31 -16.55
CA GLU A 20 4.39 -12.43 -16.23
C GLU A 20 5.17 -12.13 -17.51
N SER A 21 5.41 -13.12 -18.36
CA SER A 21 6.16 -12.94 -19.64
C SER A 21 5.38 -12.01 -20.58
N ASP A 22 4.07 -12.22 -20.71
CA ASP A 22 3.19 -11.33 -21.50
C ASP A 22 3.25 -9.92 -20.93
N TYR A 23 3.15 -9.76 -19.62
CA TYR A 23 3.19 -8.46 -18.91
C TYR A 23 4.48 -7.71 -19.30
N SER A 24 5.61 -8.39 -19.22
N SER A 24 5.63 -8.38 -19.23
CA SER A 24 6.95 -7.81 -19.52
CA SER A 24 6.96 -7.80 -19.52
C SER A 24 7.03 -7.33 -20.97
C SER A 24 7.04 -7.32 -20.97
N SER A 25 6.61 -8.16 -21.92
CA SER A 25 6.61 -7.85 -23.38
C SER A 25 5.70 -6.66 -23.65
N VAL A 26 4.50 -6.66 -23.10
CA VAL A 26 3.50 -5.57 -23.32
C VAL A 26 4.04 -4.28 -22.69
N LYS A 27 4.63 -4.37 -21.50
CA LYS A 27 5.15 -3.17 -20.79
C LYS A 27 6.22 -2.49 -21.65
N SER A 28 7.15 -3.25 -22.22
CA SER A 28 8.26 -2.70 -23.04
C SER A 28 7.69 -1.99 -24.28
N ALA A 29 6.75 -2.63 -24.96
CA ALA A 29 6.08 -2.09 -26.17
C ALA A 29 5.31 -0.82 -25.78
N ALA A 30 4.60 -0.83 -24.65
CA ALA A 30 3.78 0.32 -24.21
C ALA A 30 4.69 1.53 -23.93
N LEU A 31 5.82 1.29 -23.28
CA LEU A 31 6.77 2.40 -22.95
C LEU A 31 7.29 3.04 -24.25
N SER A 32 7.60 2.21 -25.26
N SER A 32 7.55 2.24 -25.28
CA SER A 32 8.03 2.66 -26.62
CA SER A 32 8.06 2.71 -26.59
C SER A 32 6.96 3.57 -27.24
C SER A 32 6.98 3.54 -27.32
N TYR A 33 5.73 3.07 -27.34
CA TYR A 33 4.58 3.82 -27.88
C TYR A 33 4.48 5.15 -27.14
N TYR A 34 4.54 5.13 -25.80
CA TYR A 34 4.37 6.34 -24.95
C TYR A 34 5.48 7.34 -25.27
N SER A 35 6.72 6.86 -25.36
CA SER A 35 7.90 7.71 -25.69
C SER A 35 7.73 8.34 -27.09
N ASP A 36 7.18 7.60 -28.05
CA ASP A 36 7.12 8.04 -29.48
C ASP A 36 5.97 9.00 -29.71
N THR A 37 4.83 8.82 -29.03
CA THR A 37 3.56 9.56 -29.31
C THR A 37 3.29 10.61 -28.23
N ASN A 38 3.88 10.47 -27.06
CA ASN A 38 3.58 11.29 -25.85
C ASN A 38 2.16 11.01 -25.36
N LYS A 39 1.57 9.86 -25.71
CA LYS A 39 0.25 9.48 -25.17
C LYS A 39 0.29 8.00 -24.77
N ILE A 40 -0.42 7.68 -23.69
CA ILE A 40 -0.60 6.30 -23.15
C ILE A 40 -1.35 5.50 -24.21
N PRO A 41 -0.85 4.30 -24.62
CA PRO A 41 -1.57 3.45 -25.57
C PRO A 41 -2.79 2.81 -24.89
N VAL A 42 -3.97 2.99 -25.47
CA VAL A 42 -5.21 2.37 -24.92
C VAL A 42 -5.92 1.61 -26.04
N THR A 43 -6.63 0.55 -25.67
CA THR A 43 -7.55 -0.18 -26.57
C THR A 43 -8.67 0.79 -26.93
N PRO A 44 -9.07 0.92 -28.21
CA PRO A 44 -10.21 1.77 -28.55
C PRO A 44 -11.46 1.37 -27.74
N ASP A 45 -12.26 2.36 -27.36
CA ASP A 45 -13.54 2.18 -26.66
C ASP A 45 -14.36 1.13 -27.40
N GLY A 46 -14.92 0.17 -26.66
CA GLY A 46 -15.86 -0.84 -27.20
C GLY A 46 -15.14 -2.04 -27.80
N GLN A 47 -13.81 -2.14 -27.64
CA GLN A 47 -13.00 -3.24 -28.23
C GLN A 47 -12.18 -3.93 -27.14
N THR A 48 -11.64 -5.10 -27.46
CA THR A 48 -10.65 -5.83 -26.64
C THR A 48 -9.36 -5.94 -27.45
N GLY A 49 -8.29 -6.42 -26.84
CA GLY A 49 -7.05 -6.79 -27.56
C GLY A 49 -6.00 -5.67 -27.54
N LEU A 50 -4.82 -5.97 -28.08
CA LEU A 50 -3.61 -5.14 -27.95
C LEU A 50 -3.15 -4.63 -29.33
N SER A 51 -4.05 -4.58 -30.33
CA SER A 51 -3.66 -4.16 -31.70
C SER A 51 -3.13 -2.72 -31.71
N VAL A 52 -3.46 -1.88 -30.71
CA VAL A 52 -2.88 -0.50 -30.57
C VAL A 52 -1.34 -0.59 -30.54
N LEU A 53 -0.77 -1.68 -30.04
CA LEU A 53 0.72 -1.87 -29.95
C LEU A 53 1.29 -2.65 -31.14
N GLU A 54 0.53 -2.88 -32.22
CA GLU A 54 0.92 -3.88 -33.25
C GLU A 54 2.23 -3.50 -33.96
N THR A 55 2.52 -2.22 -34.15
CA THR A 55 3.77 -1.79 -34.83
C THR A 55 4.97 -2.25 -33.98
N TYR A 56 4.81 -2.36 -32.66
CA TYR A 56 5.94 -2.55 -31.68
C TYR A 56 6.14 -4.03 -31.30
N MET A 57 5.21 -4.93 -31.66
CA MET A 57 5.23 -6.34 -31.20
C MET A 57 5.18 -7.25 -32.42
N GLU A 58 6.13 -8.17 -32.52
CA GLU A 58 6.18 -9.13 -33.66
C GLU A 58 4.97 -10.04 -33.57
N SER A 59 4.59 -10.41 -32.34
CA SER A 59 3.38 -11.25 -32.09
C SER A 59 2.60 -10.68 -30.91
N LEU A 60 1.33 -10.35 -31.10
CA LEU A 60 0.47 -9.75 -30.03
C LEU A 60 -0.05 -10.87 -29.13
N PRO A 61 0.19 -10.81 -27.80
CA PRO A 61 -0.51 -11.68 -26.86
C PRO A 61 -2.01 -11.43 -27.01
N ASP A 62 -2.81 -12.49 -26.89
N ASP A 62 -2.81 -12.51 -26.90
CA ASP A 62 -4.28 -12.48 -27.12
CA ASP A 62 -4.27 -12.52 -27.16
C ASP A 62 -5.01 -12.77 -25.80
C ASP A 62 -5.02 -12.79 -25.84
N LYS A 63 -4.76 -13.95 -25.23
CA LYS A 63 -5.42 -14.41 -23.98
C LYS A 63 -4.34 -14.79 -22.98
N ALA A 64 -4.63 -14.56 -21.70
CA ALA A 64 -3.77 -14.97 -20.57
C ALA A 64 -3.94 -16.48 -20.34
N ASP A 65 -2.88 -17.18 -19.93
CA ASP A 65 -2.93 -18.62 -19.61
C ASP A 65 -3.78 -18.88 -18.35
N ILE A 66 -4.05 -17.85 -17.53
CA ILE A 66 -4.93 -17.95 -16.32
C ILE A 66 -6.39 -17.67 -16.69
N GLY A 67 -6.66 -17.42 -17.97
CA GLY A 67 -8.00 -17.05 -18.50
C GLY A 67 -8.09 -15.58 -18.82
N GLY A 68 -8.88 -15.21 -19.84
CA GLY A 68 -9.26 -13.81 -20.07
C GLY A 68 -8.49 -13.15 -21.20
N LYS A 69 -9.18 -12.36 -22.03
CA LYS A 69 -8.54 -11.58 -23.12
C LYS A 69 -7.84 -10.37 -22.52
N TYR A 70 -6.75 -9.93 -23.15
CA TYR A 70 -6.01 -8.72 -22.72
C TYR A 70 -6.65 -7.49 -23.36
N LYS A 71 -6.62 -6.36 -22.66
CA LYS A 71 -6.80 -5.02 -23.27
C LYS A 71 -6.06 -3.98 -22.43
N LEU A 72 -5.89 -2.78 -22.96
CA LEU A 72 -5.19 -1.66 -22.29
C LEU A 72 -6.22 -0.59 -21.94
N ILE A 73 -6.23 -0.16 -20.68
CA ILE A 73 -7.14 0.91 -20.18
C ILE A 73 -6.31 1.95 -19.42
N LYS A 74 -6.84 3.17 -19.36
CA LYS A 74 -6.28 4.24 -18.53
C LYS A 74 -7.13 4.31 -17.26
N VAL A 75 -6.47 4.28 -16.10
CA VAL A 75 -7.11 4.43 -14.77
C VAL A 75 -6.43 5.62 -14.09
N GLY A 76 -7.12 6.76 -14.00
CA GLY A 76 -6.48 8.04 -13.64
C GLY A 76 -5.33 8.36 -14.57
N ASN A 77 -4.12 8.45 -14.02
CA ASN A 77 -2.87 8.79 -14.77
C ASN A 77 -2.14 7.50 -15.18
N LYS A 78 -2.64 6.32 -14.81
CA LYS A 78 -1.92 5.03 -14.97
C LYS A 78 -2.38 4.29 -16.23
N LEU A 79 -1.45 3.63 -16.92
CA LEU A 79 -1.77 2.58 -17.92
C LEU A 79 -1.90 1.24 -17.20
N VAL A 80 -2.98 0.51 -17.48
CA VAL A 80 -3.33 -0.75 -16.79
C VAL A 80 -3.57 -1.83 -17.84
N LEU A 81 -2.99 -3.00 -17.63
CA LEU A 81 -3.29 -4.21 -18.41
C LEU A 81 -4.50 -4.87 -17.76
N GLN A 82 -5.63 -4.87 -18.46
CA GLN A 82 -6.85 -5.61 -18.06
C GLN A 82 -6.73 -7.03 -18.61
N ILE A 83 -7.02 -8.00 -17.75
CA ILE A 83 -7.01 -9.44 -18.11
C ILE A 83 -8.42 -9.97 -17.85
N GLY A 84 -9.17 -10.19 -18.93
CA GLY A 84 -10.56 -10.69 -18.86
C GLY A 84 -11.54 -9.66 -19.37
N THR A 85 -12.74 -10.14 -19.67
CA THR A 85 -13.86 -9.31 -20.16
C THR A 85 -15.14 -9.90 -19.59
N ASN A 86 -16.28 -9.42 -20.06
CA ASN A 86 -17.62 -10.00 -19.74
C ASN A 86 -17.67 -11.51 -20.04
N ASP A 87 -16.93 -11.97 -21.06
N ASP A 87 -16.94 -11.95 -21.07
CA ASP A 87 -16.97 -13.37 -21.55
CA ASP A 87 -16.95 -13.35 -21.58
C ASP A 87 -16.24 -14.31 -20.59
C ASP A 87 -16.28 -14.28 -20.55
N GLU A 88 -15.14 -13.86 -19.98
CA GLU A 88 -14.28 -14.76 -19.17
C GLU A 88 -13.26 -13.91 -18.42
N GLY A 89 -13.10 -14.17 -17.12
CA GLY A 89 -12.07 -13.54 -16.27
C GLY A 89 -10.93 -14.50 -16.03
N VAL A 90 -10.09 -14.18 -15.06
CA VAL A 90 -8.95 -15.06 -14.65
C VAL A 90 -9.43 -16.01 -13.57
N THR A 91 -8.70 -17.12 -13.42
CA THR A 91 -8.82 -18.02 -12.26
C THR A 91 -7.45 -18.12 -11.59
N LEU A 92 -7.40 -17.88 -10.28
CA LEU A 92 -6.17 -17.96 -9.46
C LEU A 92 -6.46 -18.72 -8.17
N THR A 93 -5.68 -19.75 -7.90
CA THR A 93 -5.52 -20.33 -6.54
C THR A 93 -4.73 -19.33 -5.68
N GLU A 94 -4.71 -19.54 -4.36
CA GLU A 94 -3.89 -18.73 -3.43
C GLU A 94 -2.42 -18.86 -3.82
N ALA A 95 -1.97 -20.07 -4.16
CA ALA A 95 -0.56 -20.33 -4.55
C ALA A 95 -0.22 -19.53 -5.82
N GLN A 96 -1.16 -19.43 -6.78
CA GLN A 96 -0.94 -18.63 -8.02
C GLN A 96 -0.85 -17.14 -7.68
N SER A 97 -1.75 -16.64 -6.84
CA SER A 97 -1.74 -15.22 -6.39
C SER A 97 -0.41 -14.90 -5.72
N ALA A 98 0.04 -15.79 -4.84
CA ALA A 98 1.30 -15.64 -4.06
C ALA A 98 2.48 -15.52 -5.03
N LYS A 99 2.53 -16.36 -6.07
CA LYS A 99 3.66 -16.32 -7.03
C LYS A 99 3.62 -14.99 -7.82
N LEU A 100 2.44 -14.64 -8.34
CA LEU A 100 2.29 -13.41 -9.15
C LEU A 100 2.79 -12.21 -8.33
N LEU A 101 2.38 -12.13 -7.07
N LEU A 101 2.36 -12.13 -7.06
CA LEU A 101 2.77 -10.99 -6.18
CA LEU A 101 2.72 -11.03 -6.13
C LEU A 101 4.26 -11.04 -5.84
C LEU A 101 4.22 -11.05 -5.82
N SER A 102 4.82 -12.23 -5.59
CA SER A 102 6.26 -12.38 -5.30
C SER A 102 7.08 -11.89 -6.49
N ASP A 103 6.59 -12.11 -7.70
CA ASP A 103 7.37 -11.83 -8.94
C ASP A 103 7.22 -10.38 -9.36
N ILE A 104 6.03 -9.79 -9.24
CA ILE A 104 5.71 -8.43 -9.75
C ILE A 104 5.84 -7.40 -8.61
N GLY A 105 5.55 -7.79 -7.38
CA GLY A 105 5.63 -6.92 -6.19
C GLY A 105 4.36 -6.14 -5.96
N GLU A 106 4.38 -5.20 -5.03
CA GLU A 106 3.18 -4.52 -4.48
C GLU A 106 2.70 -3.38 -5.41
N ASN A 107 1.47 -2.92 -5.16
CA ASN A 107 0.86 -1.71 -5.76
C ASN A 107 0.74 -1.85 -7.28
N LYS A 108 0.58 -3.07 -7.81
CA LYS A 108 0.42 -3.28 -9.26
C LYS A 108 -0.83 -4.10 -9.57
N ILE A 109 -1.15 -5.14 -8.79
CA ILE A 109 -2.22 -6.12 -9.16
C ILE A 109 -3.48 -5.84 -8.34
N TYR A 110 -4.60 -5.62 -9.03
CA TYR A 110 -5.89 -5.20 -8.42
C TYR A 110 -7.02 -6.08 -8.95
N THR A 111 -8.01 -6.36 -8.10
CA THR A 111 -9.22 -7.18 -8.43
C THR A 111 -10.40 -6.28 -8.83
N SER A 112 -10.28 -4.95 -8.67
CA SER A 112 -11.32 -3.99 -9.13
C SER A 112 -10.70 -2.64 -9.47
N VAL A 113 -11.37 -1.90 -10.35
CA VAL A 113 -11.04 -0.49 -10.70
C VAL A 113 -12.36 0.23 -10.96
N THR A 114 -12.36 1.55 -10.77
CA THR A 114 -13.28 2.51 -11.42
C THR A 114 -12.46 3.22 -12.51
N ALA A 115 -13.06 4.17 -13.25
CA ALA A 115 -12.38 4.95 -14.32
C ALA A 115 -11.30 5.85 -13.70
N ASP A 116 -11.43 6.16 -12.41
CA ASP A 116 -10.52 7.10 -11.68
C ASP A 116 -9.53 6.34 -10.80
N ASN A 117 -9.92 5.22 -10.17
CA ASN A 117 -9.20 4.67 -8.99
C ASN A 117 -9.01 3.15 -9.06
N LEU A 118 -7.79 2.70 -8.73
CA LEU A 118 -7.46 1.27 -8.46
C LEU A 118 -8.20 0.84 -7.19
N GLY A 119 -8.75 -0.38 -7.16
CA GLY A 119 -9.59 -0.90 -6.07
C GLY A 119 -8.81 -1.78 -5.11
N ASN A 120 -9.35 -2.96 -4.77
CA ASN A 120 -8.76 -3.84 -3.71
C ASN A 120 -7.53 -4.54 -4.29
N PRO A 121 -6.35 -4.39 -3.68
CA PRO A 121 -5.15 -5.07 -4.18
C PRO A 121 -5.24 -6.59 -4.00
N LEU A 122 -4.76 -7.36 -4.98
CA LEU A 122 -4.57 -8.82 -4.82
C LEU A 122 -3.66 -9.04 -3.60
N THR A 123 -3.94 -10.05 -2.78
CA THR A 123 -3.05 -10.49 -1.68
C THR A 123 -2.55 -11.92 -1.94
N SER A 124 -1.56 -12.35 -1.18
CA SER A 124 -0.95 -13.68 -1.30
C SER A 124 -1.95 -14.77 -0.86
N ASN A 125 -3.06 -14.40 -0.21
CA ASN A 125 -4.12 -15.35 0.24
C ASN A 125 -5.39 -15.22 -0.62
N THR A 126 -5.38 -14.45 -1.71
CA THR A 126 -6.60 -14.22 -2.53
C THR A 126 -6.81 -15.37 -3.53
N LYS A 127 -8.03 -15.92 -3.57
CA LYS A 127 -8.54 -16.81 -4.65
C LYS A 127 -9.37 -15.94 -5.59
N VAL A 128 -9.23 -16.15 -6.89
CA VAL A 128 -10.04 -15.44 -7.92
C VAL A 128 -10.76 -16.49 -8.75
N ASP A 129 -12.09 -16.41 -8.80
CA ASP A 129 -12.92 -17.40 -9.53
C ASP A 129 -13.62 -16.69 -10.70
N ASN A 130 -12.97 -16.69 -11.88
CA ASN A 130 -13.53 -16.15 -13.14
C ASN A 130 -13.87 -14.65 -12.98
N LYS A 131 -12.89 -13.83 -12.58
CA LYS A 131 -13.06 -12.37 -12.44
C LYS A 131 -11.99 -11.63 -13.25
N VAL A 132 -12.34 -10.45 -13.76
CA VAL A 132 -11.39 -9.57 -14.47
C VAL A 132 -10.32 -9.12 -13.46
N LEU A 133 -9.06 -9.13 -13.90
CA LEU A 133 -7.87 -8.74 -13.10
C LEU A 133 -7.19 -7.57 -13.81
N TYR A 134 -6.48 -6.75 -13.03
CA TYR A 134 -5.83 -5.51 -13.51
C TYR A 134 -4.38 -5.47 -13.02
N ILE A 135 -3.43 -5.19 -13.92
CA ILE A 135 -2.00 -5.03 -13.54
C ILE A 135 -1.50 -3.69 -14.09
N VAL A 136 -1.05 -2.81 -13.20
CA VAL A 136 -0.48 -1.49 -13.61
C VAL A 136 0.77 -1.75 -14.46
N LEU A 137 0.83 -1.16 -15.65
CA LEU A 137 2.02 -1.21 -16.56
C LEU A 137 2.90 0.03 -16.37
N ILE A 138 2.28 1.20 -16.38
CA ILE A 138 2.99 2.52 -16.33
C ILE A 138 2.33 3.35 -15.23
N ASP A 139 3.12 3.68 -14.21
CA ASP A 139 2.75 4.49 -13.03
C ASP A 139 3.41 5.86 -13.17
N ASN A 140 2.63 6.92 -13.45
CA ASN A 140 3.14 8.31 -13.65
C ASN A 140 3.10 9.06 -12.32
N SER B 9 12.45 -13.46 24.82
CA SER B 9 11.02 -12.98 24.69
C SER B 9 10.93 -11.49 25.04
N ASN B 10 11.17 -11.13 26.30
CA ASN B 10 11.48 -9.72 26.66
C ASN B 10 12.76 -9.33 25.91
N ILE B 11 13.75 -10.22 25.88
CA ILE B 11 15.04 -10.03 25.15
C ILE B 11 14.72 -9.85 23.66
N ASN B 12 13.84 -10.70 23.13
CA ASN B 12 13.45 -10.64 21.69
C ASN B 12 12.77 -9.31 21.39
N LYS B 13 11.89 -8.82 22.27
CA LYS B 13 11.21 -7.50 22.11
C LYS B 13 12.27 -6.39 22.17
N ALA B 14 13.27 -6.48 23.05
CA ALA B 14 14.35 -5.49 23.17
C ALA B 14 15.15 -5.40 21.86
N LYS B 15 15.34 -6.52 21.16
CA LYS B 15 16.10 -6.50 19.87
C LYS B 15 15.29 -5.68 18.85
N VAL B 16 13.98 -5.87 18.83
CA VAL B 16 13.09 -5.10 17.90
C VAL B 16 13.14 -3.62 18.28
N ALA B 17 13.01 -3.28 19.56
CA ALA B 17 13.06 -1.87 20.01
C ALA B 17 14.37 -1.23 19.53
N SER B 18 15.49 -1.96 19.57
CA SER B 18 16.81 -1.45 19.14
C SER B 18 16.79 -1.15 17.64
N VAL B 19 16.22 -2.05 16.84
CA VAL B 19 16.11 -1.85 15.36
C VAL B 19 15.22 -0.63 15.08
N GLU B 20 14.13 -0.46 15.82
CA GLU B 20 13.21 0.71 15.68
C GLU B 20 13.99 2.00 15.92
N SER B 21 14.86 2.00 16.92
CA SER B 21 15.71 3.18 17.26
C SER B 21 16.69 3.49 16.12
N ASP B 22 17.36 2.48 15.58
CA ASP B 22 18.28 2.61 14.41
C ASP B 22 17.51 3.16 13.20
N TYR B 23 16.32 2.60 12.91
CA TYR B 23 15.46 3.02 11.78
C TYR B 23 15.16 4.53 11.86
N SER B 24 14.73 4.99 13.03
N SER B 24 14.71 4.99 13.03
CA SER B 24 14.34 6.41 13.26
CA SER B 24 14.33 6.40 13.29
C SER B 24 15.53 7.33 13.03
C SER B 24 15.54 7.32 13.03
N SER B 25 16.69 6.99 13.61
CA SER B 25 17.96 7.75 13.48
C SER B 25 18.42 7.79 12.03
N VAL B 26 18.43 6.64 11.34
CA VAL B 26 18.86 6.58 9.91
C VAL B 26 17.89 7.37 9.04
N LYS B 27 16.57 7.28 9.27
CA LYS B 27 15.59 8.01 8.44
C LYS B 27 15.85 9.52 8.57
N SER B 28 16.07 10.02 9.79
N SER B 28 16.06 10.02 9.79
CA SER B 28 16.36 11.46 10.02
CA SER B 28 16.38 11.44 10.08
C SER B 28 17.63 11.86 9.27
C SER B 28 17.63 11.86 9.31
N ALA B 29 18.70 11.07 9.38
CA ALA B 29 19.99 11.34 8.72
C ALA B 29 19.81 11.35 7.19
N ALA B 30 19.03 10.40 6.65
CA ALA B 30 18.82 10.29 5.19
C ALA B 30 18.05 11.53 4.70
N LEU B 31 17.06 11.97 5.45
CA LEU B 31 16.26 13.17 5.10
C LEU B 31 17.17 14.40 5.07
N SER B 32 18.12 14.52 6.02
CA SER B 32 19.11 15.62 6.04
C SER B 32 20.00 15.54 4.80
N TYR B 33 20.50 14.35 4.47
CA TYR B 33 21.34 14.13 3.27
C TYR B 33 20.58 14.58 2.02
N TYR B 34 19.34 14.12 1.86
CA TYR B 34 18.49 14.45 0.68
C TYR B 34 18.30 15.97 0.62
N SER B 35 17.97 16.59 1.76
CA SER B 35 17.81 18.07 1.87
C SER B 35 19.09 18.79 1.42
N ASP B 36 20.27 18.22 1.64
CA ASP B 36 21.55 18.93 1.42
C ASP B 36 22.12 18.70 0.00
N THR B 37 21.70 17.62 -0.67
CA THR B 37 22.33 17.15 -1.95
C THR B 37 21.31 17.08 -3.09
N ASN B 38 20.02 16.94 -2.79
CA ASN B 38 18.94 16.71 -3.77
C ASN B 38 19.03 15.28 -4.33
N LYS B 39 19.74 14.37 -3.67
CA LYS B 39 19.86 12.95 -4.13
C LYS B 39 19.65 12.03 -2.93
N ILE B 40 19.03 10.86 -3.13
CA ILE B 40 18.85 9.93 -1.99
C ILE B 40 20.21 9.29 -1.73
N PRO B 41 20.60 9.14 -0.46
CA PRO B 41 21.88 8.54 -0.12
C PRO B 41 21.85 7.03 -0.36
N VAL B 42 22.85 6.49 -1.04
CA VAL B 42 22.97 5.02 -1.22
C VAL B 42 24.37 4.59 -0.83
N THR B 43 24.47 3.36 -0.31
CA THR B 43 25.77 2.71 -0.06
C THR B 43 26.39 2.43 -1.42
N PRO B 44 27.69 2.76 -1.64
CA PRO B 44 28.30 2.45 -2.94
C PRO B 44 28.24 0.94 -3.23
N ASP B 45 28.09 0.59 -4.51
CA ASP B 45 28.14 -0.82 -4.97
C ASP B 45 29.48 -1.42 -4.55
N GLY B 46 29.43 -2.63 -3.98
CA GLY B 46 30.59 -3.40 -3.51
C GLY B 46 30.80 -3.25 -2.03
N GLN B 47 30.00 -2.40 -1.38
CA GLN B 47 30.16 -2.07 0.05
C GLN B 47 28.85 -2.33 0.80
N THR B 48 28.97 -2.41 2.12
CA THR B 48 27.85 -2.40 3.10
C THR B 48 28.02 -1.17 4.01
N GLY B 49 27.02 -0.88 4.82
CA GLY B 49 27.12 0.12 5.91
C GLY B 49 26.59 1.49 5.53
N LEU B 50 26.58 2.39 6.52
CA LEU B 50 25.86 3.68 6.47
C LEU B 50 26.83 4.88 6.47
N SER B 51 28.10 4.65 6.11
N SER B 51 28.09 4.65 6.10
CA SER B 51 29.19 5.68 6.13
CA SER B 51 29.19 5.67 6.14
C SER B 51 28.79 6.95 5.37
C SER B 51 28.80 6.94 5.38
N VAL B 52 27.99 6.83 4.31
CA VAL B 52 27.53 7.99 3.51
C VAL B 52 26.80 9.01 4.41
N LEU B 53 26.21 8.60 5.54
CA LEU B 53 25.44 9.47 6.46
C LEU B 53 26.27 9.91 7.67
N GLU B 54 27.55 9.56 7.75
CA GLU B 54 28.29 9.57 9.05
C GLU B 54 28.28 10.97 9.68
N THR B 55 28.40 12.05 8.91
CA THR B 55 28.48 13.42 9.51
C THR B 55 27.18 13.81 10.22
N TYR B 56 26.05 13.20 9.88
CA TYR B 56 24.72 13.51 10.47
C TYR B 56 24.45 12.69 11.72
N MET B 57 25.27 11.69 12.03
CA MET B 57 24.96 10.72 13.12
C MET B 57 26.06 10.76 14.18
N GLU B 58 25.69 10.93 15.45
CA GLU B 58 26.66 10.97 16.58
C GLU B 58 27.37 9.62 16.65
N SER B 59 26.63 8.52 16.51
CA SER B 59 27.17 7.14 16.38
C SER B 59 26.47 6.41 15.23
N LEU B 60 27.26 5.79 14.37
CA LEU B 60 26.81 5.11 13.13
C LEU B 60 26.36 3.70 13.49
N PRO B 61 25.06 3.34 13.32
CA PRO B 61 24.65 1.94 13.46
C PRO B 61 25.44 1.08 12.48
N ASP B 62 25.88 -0.11 12.92
CA ASP B 62 26.70 -1.03 12.09
C ASP B 62 25.88 -2.29 11.79
N LYS B 63 25.33 -2.91 12.84
CA LYS B 63 24.59 -4.20 12.76
C LYS B 63 23.25 -4.07 13.48
N ALA B 64 22.20 -4.69 12.98
CA ALA B 64 20.88 -4.78 13.64
C ALA B 64 20.95 -5.80 14.78
N ASP B 65 20.27 -5.52 15.90
CA ASP B 65 20.20 -6.47 17.05
C ASP B 65 19.42 -7.72 16.65
N ILE B 66 18.61 -7.69 15.59
CA ILE B 66 17.89 -8.89 15.06
C ILE B 66 18.82 -9.69 14.12
N GLY B 67 20.06 -9.24 13.93
CA GLY B 67 21.02 -9.79 12.97
C GLY B 67 21.10 -8.97 11.70
N GLY B 68 22.28 -8.93 11.07
CA GLY B 68 22.48 -8.37 9.73
C GLY B 68 23.13 -7.00 9.74
N LYS B 69 24.00 -6.75 8.77
CA LYS B 69 24.57 -5.42 8.46
C LYS B 69 23.48 -4.56 7.82
N TYR B 70 23.61 -3.24 7.98
CA TYR B 70 22.72 -2.25 7.32
C TYR B 70 23.30 -1.87 5.97
N LYS B 71 22.42 -1.51 5.02
CA LYS B 71 22.81 -0.92 3.73
C LYS B 71 21.69 -0.01 3.23
N LEU B 72 22.04 1.06 2.55
CA LEU B 72 21.08 1.96 1.87
C LEU B 72 21.00 1.58 0.39
N ILE B 73 19.80 1.25 -0.07
CA ILE B 73 19.56 0.87 -1.49
C ILE B 73 18.39 1.67 -2.06
N LYS B 74 18.44 1.90 -3.36
CA LYS B 74 17.32 2.51 -4.13
C LYS B 74 16.52 1.37 -4.74
N VAL B 75 15.21 1.33 -4.48
CA VAL B 75 14.26 0.35 -5.10
C VAL B 75 13.22 1.17 -5.83
N GLY B 76 13.25 1.17 -7.16
CA GLY B 76 12.45 2.13 -7.95
C GLY B 76 12.87 3.54 -7.58
N ASN B 77 11.92 4.36 -7.12
CA ASN B 77 12.14 5.78 -6.72
C ASN B 77 12.29 5.91 -5.20
N LYS B 78 12.32 4.81 -4.45
CA LYS B 78 12.27 4.81 -2.97
C LYS B 78 13.66 4.53 -2.39
N LEU B 79 13.98 5.15 -1.26
CA LEU B 79 15.14 4.79 -0.41
C LEU B 79 14.70 3.71 0.59
N VAL B 80 15.43 2.61 0.61
CA VAL B 80 15.13 1.44 1.49
C VAL B 80 16.36 1.13 2.34
N LEU B 81 16.12 0.86 3.62
CA LEU B 81 17.12 0.27 4.55
C LEU B 81 17.08 -1.24 4.36
N GLN B 82 18.15 -1.81 3.82
CA GLN B 82 18.34 -3.28 3.77
C GLN B 82 18.99 -3.71 5.09
N ILE B 83 18.45 -4.75 5.71
CA ILE B 83 18.97 -5.33 6.97
C ILE B 83 19.35 -6.78 6.65
N GLY B 84 20.65 -7.06 6.65
CA GLY B 84 21.17 -8.40 6.32
C GLY B 84 21.84 -8.42 4.98
N THR B 85 22.86 -9.26 4.87
CA THR B 85 23.67 -9.51 3.66
C THR B 85 24.14 -10.96 3.73
N ASN B 86 24.78 -11.44 2.68
CA ASN B 86 25.17 -12.86 2.57
C ASN B 86 25.69 -13.40 3.92
N ASP B 87 26.56 -12.63 4.60
CA ASP B 87 27.28 -13.01 5.84
C ASP B 87 26.30 -13.36 6.98
N GLU B 88 25.15 -12.68 7.05
CA GLU B 88 24.16 -12.86 8.14
C GLU B 88 22.92 -12.06 7.77
N GLY B 89 21.74 -12.72 7.74
CA GLY B 89 20.41 -12.08 7.62
C GLY B 89 19.79 -11.82 8.98
N VAL B 90 18.53 -11.40 9.01
CA VAL B 90 17.78 -11.19 10.28
C VAL B 90 17.12 -12.50 10.70
N THR B 91 16.82 -12.62 12.00
CA THR B 91 15.92 -13.64 12.55
C THR B 91 14.77 -12.94 13.29
N LEU B 92 13.54 -13.30 12.92
CA LEU B 92 12.29 -12.80 13.54
C LEU B 92 11.38 -13.97 13.89
N THR B 93 10.97 -14.04 15.14
CA THR B 93 9.78 -14.83 15.60
C THR B 93 8.50 -14.11 15.15
N GLU B 94 7.35 -14.78 15.21
CA GLU B 94 6.04 -14.13 14.90
C GLU B 94 5.82 -12.97 15.87
N ALA B 95 6.15 -13.15 17.15
CA ALA B 95 5.99 -12.09 18.18
C ALA B 95 6.82 -10.86 17.81
N GLN B 96 8.04 -11.08 17.33
CA GLN B 96 8.96 -9.96 16.95
C GLN B 96 8.41 -9.23 15.73
N SER B 97 7.95 -9.97 14.71
CA SER B 97 7.32 -9.42 13.49
C SER B 97 6.09 -8.58 13.87
N ALA B 98 5.24 -9.10 14.75
CA ALA B 98 4.00 -8.41 15.18
C ALA B 98 4.36 -7.09 15.88
N LYS B 99 5.37 -7.09 16.77
CA LYS B 99 5.77 -5.85 17.49
C LYS B 99 6.28 -4.81 16.47
N LEU B 100 7.20 -5.21 15.60
CA LEU B 100 7.80 -4.32 14.58
C LEU B 100 6.68 -3.70 13.72
N LEU B 101 5.73 -4.51 13.29
CA LEU B 101 4.65 -4.05 12.36
C LEU B 101 3.67 -3.13 13.12
N SER B 102 3.36 -3.43 14.37
CA SER B 102 2.45 -2.61 15.21
C SER B 102 3.09 -1.24 15.49
N ASP B 103 4.40 -1.23 15.74
CA ASP B 103 5.15 -0.02 16.15
C ASP B 103 5.41 0.88 14.94
N ILE B 104 5.73 0.32 13.78
CA ILE B 104 6.16 1.09 12.58
C ILE B 104 4.94 1.35 11.69
N GLY B 105 3.97 0.44 11.69
CA GLY B 105 2.78 0.49 10.82
C GLY B 105 2.98 -0.17 9.47
N GLU B 106 1.99 -0.03 8.58
CA GLU B 106 1.92 -0.79 7.29
C GLU B 106 2.72 -0.07 6.18
N ASN B 107 2.93 -0.78 5.07
CA ASN B 107 3.49 -0.18 3.83
C ASN B 107 4.96 0.21 4.01
N LYS B 108 5.68 -0.36 4.97
CA LYS B 108 7.12 -0.02 5.20
C LYS B 108 8.03 -1.25 5.23
N ILE B 109 7.58 -2.37 5.80
CA ILE B 109 8.47 -3.53 6.10
C ILE B 109 8.16 -4.65 5.11
N TYR B 110 9.18 -5.13 4.42
CA TYR B 110 9.06 -6.13 3.33
C TYR B 110 10.13 -7.22 3.48
N THR B 111 9.79 -8.44 3.08
CA THR B 111 10.70 -9.62 3.14
C THR B 111 11.31 -9.89 1.77
N SER B 112 10.95 -9.11 0.74
CA SER B 112 11.50 -9.25 -0.62
C SER B 112 11.41 -7.94 -1.40
N VAL B 113 12.27 -7.81 -2.40
CA VAL B 113 12.19 -6.77 -3.45
C VAL B 113 12.33 -7.47 -4.80
N THR B 114 11.77 -6.87 -5.84
CA THR B 114 12.05 -7.26 -7.24
C THR B 114 13.11 -6.30 -7.75
N ALA B 115 13.43 -6.33 -9.03
CA ALA B 115 14.48 -5.46 -9.61
C ALA B 115 14.14 -3.99 -9.36
N ASP B 116 12.86 -3.61 -9.32
CA ASP B 116 12.51 -2.17 -9.21
C ASP B 116 11.26 -1.95 -8.36
N ASN B 117 10.85 -2.89 -7.52
CA ASN B 117 9.60 -2.76 -6.73
C ASN B 117 9.79 -3.44 -5.36
N LEU B 118 9.15 -2.92 -4.32
CA LEU B 118 9.01 -3.64 -3.05
C LEU B 118 8.15 -4.90 -3.29
N GLY B 119 8.48 -5.98 -2.58
CA GLY B 119 7.85 -7.29 -2.78
C GLY B 119 6.81 -7.57 -1.73
N ASN B 120 7.01 -8.66 -0.98
CA ASN B 120 6.02 -9.20 -0.02
C ASN B 120 6.09 -8.44 1.29
N PRO B 121 4.97 -7.84 1.73
CA PRO B 121 4.95 -7.18 3.03
C PRO B 121 5.14 -8.19 4.18
N LEU B 122 5.87 -7.77 5.20
CA LEU B 122 5.88 -8.47 6.49
C LEU B 122 4.48 -8.42 7.10
N THR B 123 4.01 -9.53 7.67
CA THR B 123 2.72 -9.64 8.39
C THR B 123 3.00 -9.99 9.84
N SER B 124 1.97 -9.92 10.68
N SER B 124 1.98 -9.89 10.70
CA SER B 124 1.99 -10.23 12.15
CA SER B 124 2.07 -10.21 12.14
C SER B 124 2.25 -11.71 12.41
C SER B 124 2.47 -11.68 12.35
N ASN B 125 2.18 -12.57 11.38
CA ASN B 125 2.42 -14.03 11.51
C ASN B 125 3.71 -14.44 10.78
N THR B 126 4.54 -13.48 10.34
CA THR B 126 5.78 -13.78 9.56
C THR B 126 6.90 -14.25 10.49
N LYS B 127 7.54 -15.36 10.13
CA LYS B 127 8.84 -15.81 10.70
C LYS B 127 9.93 -15.59 9.65
N VAL B 128 11.08 -15.08 10.06
CA VAL B 128 12.25 -14.93 9.16
C VAL B 128 13.43 -15.67 9.79
N ASP B 129 14.03 -16.58 9.04
CA ASP B 129 15.16 -17.42 9.52
C ASP B 129 16.40 -17.08 8.68
N ASN B 130 17.20 -16.13 9.13
CA ASN B 130 18.48 -15.73 8.51
C ASN B 130 18.27 -15.27 7.06
N LYS B 131 17.39 -14.30 6.84
CA LYS B 131 17.16 -13.74 5.48
C LYS B 131 17.15 -12.21 5.56
N VAL B 132 17.23 -11.57 4.39
N VAL B 132 17.29 -11.56 4.41
CA VAL B 132 17.25 -10.08 4.22
CA VAL B 132 17.27 -10.07 4.33
C VAL B 132 15.88 -9.48 4.59
C VAL B 132 15.89 -9.57 4.80
N LEU B 133 15.87 -8.32 5.26
CA LEU B 133 14.64 -7.56 5.58
C LEU B 133 14.81 -6.16 4.96
N TYR B 134 13.71 -5.53 4.56
CA TYR B 134 13.72 -4.18 3.95
C TYR B 134 12.73 -3.30 4.70
N ILE B 135 13.14 -2.09 5.03
CA ILE B 135 12.22 -1.05 5.60
C ILE B 135 12.38 0.23 4.79
N VAL B 136 11.26 0.72 4.26
CA VAL B 136 11.23 1.97 3.44
C VAL B 136 11.63 3.14 4.34
N LEU B 137 12.57 3.96 3.88
CA LEU B 137 13.00 5.20 4.58
C LEU B 137 12.30 6.40 3.94
N ILE B 138 12.42 6.56 2.62
CA ILE B 138 11.84 7.71 1.89
C ILE B 138 11.02 7.19 0.70
N ASP B 139 9.74 7.59 0.63
CA ASP B 139 8.88 7.44 -0.59
C ASP B 139 7.98 8.68 -0.71
N ASN B 140 6.91 8.61 -1.50
CA ASN B 140 5.95 9.72 -1.76
C ASN B 140 5.14 10.07 -0.49
N THR B 141 5.04 9.15 0.48
CA THR B 141 4.35 9.38 1.78
C THR B 141 5.20 10.31 2.64
N VAL B 142 6.52 10.35 2.43
CA VAL B 142 7.50 11.17 3.18
C VAL B 142 7.75 12.48 2.40
N MET B 143 7.86 12.39 1.06
CA MET B 143 7.88 13.53 0.12
C MET B 143 6.43 13.92 -0.23
N GLY C 8 -30.46 -5.73 17.99
CA GLY C 8 -28.98 -5.60 18.17
C GLY C 8 -28.22 -5.72 16.86
N SER C 9 -28.36 -6.86 16.17
CA SER C 9 -27.63 -7.18 14.91
C SER C 9 -27.95 -6.14 13.83
N ASN C 10 -29.25 -5.89 13.58
CA ASN C 10 -29.73 -4.92 12.57
C ASN C 10 -29.44 -3.50 13.05
N ILE C 11 -29.69 -3.19 14.32
CA ILE C 11 -29.39 -1.86 14.90
C ILE C 11 -27.89 -1.58 14.73
N ASN C 12 -27.03 -2.57 14.96
CA ASN C 12 -25.55 -2.42 14.87
C ASN C 12 -25.10 -2.26 13.42
N LYS C 13 -25.71 -2.99 12.48
CA LYS C 13 -25.46 -2.83 11.02
C LYS C 13 -25.84 -1.40 10.61
N ALA C 14 -26.95 -0.87 11.13
CA ALA C 14 -27.44 0.49 10.80
C ALA C 14 -26.48 1.56 11.34
N LYS C 15 -25.87 1.36 12.51
CA LYS C 15 -24.84 2.29 13.05
C LYS C 15 -23.68 2.38 12.05
N VAL C 16 -23.24 1.23 11.54
CA VAL C 16 -22.13 1.13 10.54
C VAL C 16 -22.55 1.84 9.24
N ALA C 17 -23.79 1.65 8.79
CA ALA C 17 -24.31 2.30 7.56
C ALA C 17 -24.33 3.82 7.77
N SER C 18 -24.72 4.29 8.95
CA SER C 18 -24.71 5.73 9.30
C SER C 18 -23.29 6.30 9.17
N VAL C 19 -22.28 5.58 9.67
CA VAL C 19 -20.86 6.04 9.55
C VAL C 19 -20.44 6.05 8.07
N GLU C 20 -20.83 5.03 7.30
CA GLU C 20 -20.53 4.94 5.84
C GLU C 20 -21.11 6.16 5.12
N SER C 21 -22.34 6.55 5.46
CA SER C 21 -23.03 7.74 4.90
CA SER C 21 -23.00 7.73 4.86
C SER C 21 -22.21 9.00 5.22
N ASP C 22 -21.73 9.12 6.45
CA ASP C 22 -20.93 10.29 6.88
C ASP C 22 -19.60 10.31 6.14
N TYR C 23 -18.96 9.14 6.01
CA TYR C 23 -17.67 8.95 5.32
C TYR C 23 -17.82 9.45 3.87
N SER C 24 -18.88 8.99 3.21
CA SER C 24 -19.18 9.34 1.78
CA SER C 24 -19.20 9.35 1.79
C SER C 24 -19.36 10.86 1.63
N SER C 25 -20.17 11.48 2.49
CA SER C 25 -20.47 12.93 2.49
C SER C 25 -19.18 13.72 2.74
N VAL C 26 -18.38 13.31 3.72
CA VAL C 26 -17.15 14.05 4.08
C VAL C 26 -16.12 13.91 2.95
N LYS C 27 -16.00 12.73 2.36
CA LYS C 27 -15.05 12.47 1.26
C LYS C 27 -15.40 13.36 0.07
N SER C 28 -16.68 13.45 -0.29
CA SER C 28 -17.18 14.33 -1.38
C SER C 28 -16.78 15.79 -1.10
N ALA C 29 -17.04 16.27 0.11
CA ALA C 29 -16.76 17.68 0.49
C ALA C 29 -15.25 17.91 0.50
N ALA C 30 -14.46 16.96 1.01
CA ALA C 30 -12.99 17.06 1.05
C ALA C 30 -12.42 17.16 -0.37
N LEU C 31 -12.94 16.40 -1.32
CA LEU C 31 -12.43 16.41 -2.73
C LEU C 31 -12.80 17.76 -3.38
N SER C 32 -13.97 18.32 -3.08
CA SER C 32 -14.36 19.68 -3.52
C SER C 32 -13.35 20.71 -2.95
N TYR C 33 -13.06 20.65 -1.66
CA TYR C 33 -12.12 21.58 -1.00
C TYR C 33 -10.75 21.50 -1.67
N TYR C 34 -10.26 20.29 -1.90
CA TYR C 34 -8.94 20.03 -2.53
C TYR C 34 -8.94 20.63 -3.96
N SER C 35 -10.01 20.40 -4.72
CA SER C 35 -10.19 20.92 -6.10
C SER C 35 -10.20 22.46 -6.12
N ASP C 36 -10.60 23.11 -5.03
CA ASP C 36 -10.73 24.58 -4.96
C ASP C 36 -9.47 25.25 -4.39
N THR C 37 -8.64 24.56 -3.60
CA THR C 37 -7.52 25.16 -2.84
C THR C 37 -6.16 24.56 -3.20
N ASN C 38 -6.15 23.36 -3.79
CA ASN C 38 -4.92 22.54 -4.01
C ASN C 38 -4.29 22.16 -2.66
N LYS C 39 -5.10 22.15 -1.58
CA LYS C 39 -4.66 21.83 -0.19
C LYS C 39 -5.59 20.79 0.42
N ILE C 40 -5.03 19.84 1.15
CA ILE C 40 -5.78 18.84 1.96
C ILE C 40 -6.48 19.58 3.10
N PRO C 41 -7.81 19.45 3.28
CA PRO C 41 -8.47 20.11 4.40
C PRO C 41 -8.10 19.39 5.71
N VAL C 42 -7.71 20.16 6.72
CA VAL C 42 -7.45 19.59 8.08
C VAL C 42 -8.16 20.44 9.13
N THR C 43 -8.54 19.77 10.22
CA THR C 43 -9.02 20.42 11.45
C THR C 43 -7.83 21.20 12.03
N PRO C 44 -8.04 22.45 12.49
CA PRO C 44 -6.95 23.19 13.15
C PRO C 44 -6.40 22.41 14.35
N ASP C 45 -5.10 22.49 14.58
CA ASP C 45 -4.43 21.80 15.72
C ASP C 45 -5.09 22.29 17.03
N GLY C 46 -5.35 21.36 17.95
CA GLY C 46 -5.97 21.65 19.26
C GLY C 46 -7.48 21.58 19.22
N GLN C 47 -8.09 21.27 18.07
CA GLN C 47 -9.56 21.29 17.91
C GLN C 47 -10.05 19.94 17.36
N THR C 48 -11.36 19.75 17.44
CA THR C 48 -12.10 18.64 16.78
C THR C 48 -13.10 19.27 15.81
N GLY C 49 -13.75 18.43 14.98
CA GLY C 49 -14.89 18.87 14.17
C GLY C 49 -14.51 19.09 12.71
N LEU C 50 -15.51 19.23 11.86
CA LEU C 50 -15.36 19.26 10.39
C LEU C 50 -15.68 20.66 9.81
N SER C 51 -15.65 21.71 10.63
N SER C 51 -15.65 21.69 10.68
CA SER C 51 -16.09 23.07 10.21
CA SER C 51 -15.94 23.11 10.35
C SER C 51 -15.22 23.59 9.05
C SER C 51 -15.24 23.52 9.05
N VAL C 52 -14.00 23.07 8.85
CA VAL C 52 -13.16 23.42 7.67
C VAL C 52 -13.94 23.15 6.36
N LEU C 53 -14.88 22.19 6.37
CA LEU C 53 -15.66 21.75 5.17
C LEU C 53 -17.07 22.37 5.16
N GLU C 54 -17.42 23.25 6.09
CA GLU C 54 -18.85 23.58 6.37
C GLU C 54 -19.54 24.19 5.14
N THR C 55 -18.86 24.99 4.32
CA THR C 55 -19.52 25.62 3.13
C THR C 55 -19.94 24.56 2.10
N TYR C 56 -19.32 23.37 2.10
CA TYR C 56 -19.61 22.32 1.09
C TYR C 56 -20.73 21.36 1.54
N MET C 57 -21.15 21.42 2.80
CA MET C 57 -22.03 20.39 3.40
C MET C 57 -23.29 21.07 3.95
N GLU C 58 -24.48 20.63 3.53
CA GLU C 58 -25.76 21.21 4.02
C GLU C 58 -25.85 20.94 5.53
N SER C 59 -25.48 19.73 5.94
CA SER C 59 -25.47 19.28 7.35
C SER C 59 -24.07 18.74 7.70
N LEU C 60 -23.44 19.34 8.71
CA LEU C 60 -22.07 18.97 9.15
C LEU C 60 -22.15 17.81 10.13
N PRO C 61 -21.63 16.60 9.80
CA PRO C 61 -21.59 15.50 10.76
C PRO C 61 -20.76 15.90 11.99
N ASP C 62 -21.18 15.48 13.18
CA ASP C 62 -20.58 15.88 14.48
C ASP C 62 -19.96 14.63 15.14
N LYS C 63 -20.80 13.63 15.41
CA LYS C 63 -20.39 12.36 16.09
C LYS C 63 -20.85 11.17 15.25
N ALA C 64 -20.04 10.13 15.19
CA ALA C 64 -20.36 8.84 14.53
C ALA C 64 -21.35 8.06 15.39
N ASP C 65 -22.27 7.32 14.74
CA ASP C 65 -23.27 6.48 15.45
C ASP C 65 -22.56 5.31 16.16
N ILE C 66 -21.31 4.97 15.79
CA ILE C 66 -20.50 3.93 16.49
C ILE C 66 -19.75 4.54 17.69
N GLY C 67 -19.91 5.85 17.93
CA GLY C 67 -19.21 6.62 18.97
C GLY C 67 -18.09 7.47 18.40
N GLY C 68 -17.84 8.64 19.00
CA GLY C 68 -16.63 9.45 18.74
C GLY C 68 -16.90 10.66 17.87
N LYS C 69 -16.27 11.77 18.21
CA LYS C 69 -16.34 13.00 17.40
C LYS C 69 -15.45 12.81 16.16
N TYR C 70 -15.82 13.45 15.07
CA TYR C 70 -15.02 13.45 13.82
C TYR C 70 -13.96 14.56 13.87
N LYS C 71 -12.84 14.31 13.21
CA LYS C 71 -11.89 15.38 12.79
C LYS C 71 -11.09 14.88 11.57
N LEU C 72 -10.43 15.83 10.91
CA LEU C 72 -9.59 15.58 9.72
C LEU C 72 -8.12 15.77 10.09
N ILE C 73 -7.29 14.79 9.75
CA ILE C 73 -5.82 14.89 9.98
C ILE C 73 -5.09 14.48 8.71
N LYS C 74 -3.89 15.00 8.53
CA LYS C 74 -2.96 14.58 7.46
C LYS C 74 -1.98 13.56 8.04
N VAL C 75 -1.87 12.39 7.42
CA VAL C 75 -0.89 11.33 7.78
C VAL C 75 -0.10 10.99 6.52
N GLY C 76 1.19 11.34 6.51
CA GLY C 76 2.02 11.37 5.29
C GLY C 76 1.36 12.18 4.20
N ASN C 77 1.07 11.56 3.07
CA ASN C 77 0.50 12.24 1.89
C ASN C 77 -1.04 12.12 1.90
N LYS C 78 -1.64 11.59 2.97
CA LYS C 78 -3.06 11.13 2.96
C LYS C 78 -3.93 12.01 3.85
N LEU C 79 -5.14 12.29 3.41
CA LEU C 79 -6.22 12.85 4.26
C LEU C 79 -6.90 11.68 4.98
N VAL C 80 -7.05 11.80 6.30
CA VAL C 80 -7.61 10.73 7.16
C VAL C 80 -8.77 11.30 7.97
N LEU C 81 -9.90 10.58 7.99
CA LEU C 81 -11.04 10.89 8.88
C LEU C 81 -10.76 10.20 10.22
N GLN C 82 -10.51 10.98 11.25
CA GLN C 82 -10.38 10.44 12.62
C GLN C 82 -11.78 10.38 13.24
N ILE C 83 -12.11 9.24 13.84
CA ILE C 83 -13.38 9.03 14.56
C ILE C 83 -13.05 8.69 16.01
N GLY C 84 -13.33 9.62 16.91
CA GLY C 84 -12.96 9.46 18.33
C GLY C 84 -11.94 10.49 18.75
N THR C 85 -12.01 10.85 20.03
CA THR C 85 -11.06 11.74 20.73
C THR C 85 -10.88 11.17 22.14
N ASN C 86 -10.16 11.88 22.99
CA ASN C 86 -9.94 11.51 24.42
C ASN C 86 -11.26 11.12 25.12
N ASP C 87 -12.33 11.85 24.84
N ASP C 87 -12.33 11.86 24.83
CA ASP C 87 -13.64 11.73 25.54
CA ASP C 87 -13.65 11.76 25.52
C ASP C 87 -14.24 10.35 25.27
C ASP C 87 -14.32 10.41 25.23
N GLU C 88 -14.16 9.88 24.02
CA GLU C 88 -14.98 8.75 23.51
C GLU C 88 -14.42 8.31 22.16
N GLY C 89 -14.20 7.02 22.00
CA GLY C 89 -13.81 6.40 20.73
C GLY C 89 -14.96 5.64 20.12
N VAL C 90 -14.67 4.77 19.16
CA VAL C 90 -15.68 3.91 18.50
C VAL C 90 -15.78 2.60 19.29
N THR C 91 -16.94 1.97 19.19
CA THR C 91 -17.18 0.57 19.62
C THR C 91 -17.67 -0.23 18.41
N LEU C 92 -16.99 -1.32 18.11
CA LEU C 92 -17.31 -2.23 16.99
C LEU C 92 -17.27 -3.68 17.49
N THR C 93 -18.33 -4.45 17.22
CA THR C 93 -18.32 -5.92 17.26
C THR C 93 -17.53 -6.43 16.04
N GLU C 94 -17.19 -7.72 16.01
CA GLU C 94 -16.54 -8.35 14.83
C GLU C 94 -17.46 -8.19 13.61
N ALA C 95 -18.78 -8.31 13.77
CA ALA C 95 -19.77 -8.21 12.67
C ALA C 95 -19.75 -6.78 12.09
N GLN C 96 -19.69 -5.77 12.96
CA GLN C 96 -19.63 -4.34 12.57
C GLN C 96 -18.33 -4.08 11.79
N SER C 97 -17.18 -4.56 12.28
CA SER C 97 -15.87 -4.40 11.61
C SER C 97 -15.94 -5.05 10.22
N ALA C 98 -16.48 -6.26 10.14
CA ALA C 98 -16.56 -7.04 8.88
C ALA C 98 -17.35 -6.23 7.84
N LYS C 99 -18.50 -5.68 8.25
CA LYS C 99 -19.38 -4.90 7.35
C LYS C 99 -18.64 -3.65 6.88
N LEU C 100 -18.07 -2.88 7.81
CA LEU C 100 -17.33 -1.64 7.52
C LEU C 100 -16.23 -1.93 6.49
N LEU C 101 -15.50 -3.03 6.69
N LEU C 101 -15.48 -3.02 6.68
CA LEU C 101 -14.35 -3.48 5.85
CA LEU C 101 -14.35 -3.42 5.80
C LEU C 101 -14.86 -3.84 4.45
C LEU C 101 -14.87 -3.83 4.42
N SER C 102 -15.93 -4.65 4.40
CA SER C 102 -16.59 -5.11 3.15
C SER C 102 -17.05 -3.91 2.31
N ASP C 103 -17.62 -2.89 2.95
CA ASP C 103 -18.30 -1.76 2.29
C ASP C 103 -17.28 -0.71 1.86
N ILE C 104 -16.32 -0.35 2.73
CA ILE C 104 -15.36 0.75 2.45
C ILE C 104 -14.15 0.18 1.71
N GLY C 105 -13.73 -1.03 2.05
CA GLY C 105 -12.61 -1.72 1.38
C GLY C 105 -11.37 -1.82 2.25
N GLU C 106 -10.38 -2.54 1.76
CA GLU C 106 -9.08 -2.77 2.45
C GLU C 106 -8.17 -1.55 2.26
N ASN C 107 -7.13 -1.48 3.10
CA ASN C 107 -6.05 -0.45 3.04
C ASN C 107 -6.62 0.94 3.31
N LYS C 108 -7.71 1.03 4.09
CA LYS C 108 -8.33 2.33 4.44
C LYS C 108 -8.54 2.51 5.94
N ILE C 109 -8.90 1.45 6.68
CA ILE C 109 -9.35 1.57 8.10
C ILE C 109 -8.23 1.05 9.03
N TYR C 110 -7.80 1.89 9.97
CA TYR C 110 -6.64 1.61 10.85
C TYR C 110 -6.96 2.03 12.28
N THR C 111 -6.24 1.50 13.26
CA THR C 111 -6.44 1.84 14.70
C THR C 111 -5.19 2.51 15.29
N SER C 112 -4.14 2.77 14.51
CA SER C 112 -2.97 3.51 15.05
C SER C 112 -2.37 4.43 13.99
N VAL C 113 -1.80 5.54 14.46
CA VAL C 113 -0.91 6.44 13.68
C VAL C 113 0.39 6.56 14.47
N THR C 114 1.49 6.07 13.93
CA THR C 114 2.82 6.07 14.60
C THR C 114 3.82 6.71 13.64
N ALA C 115 4.53 7.74 14.12
CA ALA C 115 5.59 8.43 13.36
C ALA C 115 5.08 8.65 11.93
N ASP C 116 3.90 9.28 11.82
CA ASP C 116 3.30 9.75 10.55
C ASP C 116 3.01 8.58 9.58
N ASN C 117 2.61 7.43 10.11
CA ASN C 117 2.25 6.23 9.31
C ASN C 117 1.05 5.53 9.93
N LEU C 118 0.12 5.03 9.11
CA LEU C 118 -1.07 4.27 9.58
C LEU C 118 -0.66 2.82 9.86
N GLY C 119 -1.12 2.28 10.99
CA GLY C 119 -0.87 0.87 11.35
C GLY C 119 -2.07 0.19 11.99
N ASN C 120 -1.89 -1.08 12.33
CA ASN C 120 -2.91 -1.91 13.02
C ASN C 120 -4.23 -1.84 12.24
N PRO C 121 -4.24 -2.32 10.98
CA PRO C 121 -5.44 -2.29 10.15
C PRO C 121 -6.60 -3.05 10.80
N LEU C 122 -7.81 -2.51 10.69
CA LEU C 122 -9.04 -3.22 11.09
C LEU C 122 -9.15 -4.49 10.26
N THR C 123 -9.55 -5.60 10.91
CA THR C 123 -9.81 -6.91 10.27
C THR C 123 -11.27 -7.31 10.53
N SER C 124 -11.77 -8.28 9.76
N SER C 124 -11.77 -8.27 9.76
CA SER C 124 -13.16 -8.78 9.87
CA SER C 124 -13.14 -8.83 9.85
C SER C 124 -13.39 -9.49 11.22
C SER C 124 -13.39 -9.41 11.25
N ASN C 125 -12.33 -9.80 11.96
CA ASN C 125 -12.39 -10.44 13.31
C ASN C 125 -11.97 -9.47 14.41
N THR C 126 -11.87 -8.16 14.14
CA THR C 126 -11.42 -7.16 15.13
C THR C 126 -12.61 -6.64 15.93
N LYS C 127 -12.49 -6.69 17.27
CA LYS C 127 -13.40 -6.05 18.23
C LYS C 127 -12.72 -4.76 18.69
N VAL C 128 -13.44 -3.63 18.68
CA VAL C 128 -12.89 -2.33 19.17
C VAL C 128 -13.72 -1.86 20.36
N ASP C 129 -13.07 -1.60 21.50
CA ASP C 129 -13.74 -1.19 22.76
C ASP C 129 -13.35 0.25 23.09
N ASN C 130 -14.11 1.22 22.57
CA ASN C 130 -13.97 2.67 22.88
C ASN C 130 -12.56 3.15 22.50
N LYS C 131 -12.16 2.99 21.24
CA LYS C 131 -10.83 3.41 20.73
C LYS C 131 -11.01 4.33 19.51
N VAL C 132 -10.06 5.23 19.30
CA VAL C 132 -10.03 6.11 18.09
C VAL C 132 -9.85 5.23 16.84
N LEU C 133 -10.60 5.55 15.79
CA LEU C 133 -10.51 4.85 14.48
C LEU C 133 -10.06 5.85 13.42
N TYR C 134 -9.31 5.39 12.43
CA TYR C 134 -8.81 6.22 11.30
C TYR C 134 -9.26 5.62 9.97
N ILE C 135 -9.88 6.44 9.11
CA ILE C 135 -10.28 5.98 7.75
C ILE C 135 -9.70 6.94 6.71
N VAL C 136 -8.88 6.41 5.81
CA VAL C 136 -8.30 7.21 4.71
C VAL C 136 -9.43 7.76 3.83
N LEU C 137 -9.40 9.06 3.53
CA LEU C 137 -10.36 9.74 2.63
C LEU C 137 -9.72 9.93 1.25
N ILE C 138 -8.50 10.47 1.21
CA ILE C 138 -7.73 10.81 -0.02
C ILE C 138 -6.32 10.25 0.11
N ASP C 139 -5.91 9.39 -0.81
CA ASP C 139 -4.52 8.83 -0.85
C ASP C 139 -3.59 9.86 -1.51
#